data_6GTU
#
_entry.id   6GTU
#
_cell.length_a   129.510
_cell.length_b   129.510
_cell.length_c   129.510
_cell.angle_alpha   90.00
_cell.angle_beta   90.00
_cell.angle_gamma   90.00
#
_symmetry.space_group_name_H-M   'I 2 3'
#
loop_
_entity.id
_entity.type
_entity.pdbx_description
1 polymer '17-beta-hydroxysteroid dehydrogenase 14'
2 non-polymer NICOTINAMIDE-ADENINE-DINUCLEOTIDE
3 non-polymer N-(1,3-benzodioxol-5-ylmethyl)cyclopentanamine
4 non-polymer 'TRIETHYLENE GLYCOL'
5 non-polymer 'CHLORIDE ION'
6 water water
#
_entity_poly.entity_id   1
_entity_poly.type   'polypeptide(L)'
_entity_poly.pdbx_seq_one_letter_code
;GHMATGTRYAGKVVVVTGGGRGIGAGIVRAFVNSGARVVICDKDESGGRALEQELPGAVFILCDVTQEDDVKTLVSETIR
RFGRLDCVVNNAGHHPPPQRPEETSAQGFRQLLELNLLGTYTLTKLALPYLRKSQGNVINISSLVGAIGQAQAVPYVATK
GAVTAMTKALALDESPYGVRVNCISPGNIWTPLWEELAALMPDPRATIREGMLAQPLGRMGQPAEVGAAAVFLASEANFC
TGIELLVTGGAELGYGCKASRSTPVDAPDIPSGS
;
_entity_poly.pdbx_strand_id   A
#
# COMPACT_ATOMS: atom_id res chain seq x y z
N GLY A 6 -4.47 9.39 22.55
CA GLY A 6 -4.79 8.64 21.34
C GLY A 6 -6.29 8.52 21.10
N THR A 7 -6.89 9.58 20.55
CA THR A 7 -8.33 9.61 20.35
C THR A 7 -8.76 10.12 18.98
N ARG A 8 -7.82 10.40 18.05
CA ARG A 8 -8.25 11.01 16.79
C ARG A 8 -9.06 10.07 15.91
N TYR A 9 -9.09 8.76 16.22
CA TYR A 9 -9.90 7.82 15.47
C TYR A 9 -10.51 6.78 16.40
N ALA A 10 -10.94 7.23 17.58
CA ALA A 10 -11.43 6.35 18.64
C ALA A 10 -12.74 5.67 18.24
N GLY A 11 -12.79 4.36 18.42
CA GLY A 11 -14.01 3.63 18.19
C GLY A 11 -14.27 3.21 16.77
N LYS A 12 -13.51 3.76 15.82
CA LYS A 12 -13.68 3.37 14.43
C LYS A 12 -13.12 1.97 14.21
N VAL A 13 -13.78 1.21 13.35
CA VAL A 13 -13.33 -0.12 12.97
C VAL A 13 -12.57 0.00 11.66
N VAL A 14 -11.35 -0.55 11.63
CA VAL A 14 -10.41 -0.39 10.52
C VAL A 14 -9.94 -1.78 10.12
N VAL A 15 -10.06 -2.10 8.83
CA VAL A 15 -9.49 -3.31 8.26
C VAL A 15 -8.22 -2.92 7.52
N VAL A 16 -7.12 -3.61 7.82
CA VAL A 16 -5.85 -3.38 7.14
C VAL A 16 -5.43 -4.69 6.52
N THR A 17 -5.40 -4.76 5.20
CA THR A 17 -4.89 -5.96 4.54
C THR A 17 -3.36 -5.92 4.54
N GLY A 18 -2.76 -7.10 4.56
CA GLY A 18 -1.32 -7.18 4.65
C GLY A 18 -0.76 -6.50 5.87
N GLY A 19 -1.47 -6.54 6.98
CA GLY A 19 -1.03 -5.82 8.16
C GLY A 19 -0.06 -6.55 9.05
N GLY A 20 0.42 -7.75 8.64
CA GLY A 20 1.27 -8.53 9.51
C GLY A 20 2.67 -7.98 9.68
N ARG A 21 3.17 -7.24 8.68
CA ARG A 21 4.54 -6.75 8.69
C ARG A 21 4.65 -5.55 7.76
N GLY A 22 5.83 -4.92 7.77
CA GLY A 22 6.12 -3.88 6.81
C GLY A 22 5.21 -2.67 6.97
N ILE A 23 4.86 -2.07 5.84
CA ILE A 23 4.00 -0.89 5.86
C ILE A 23 2.66 -1.22 6.51
N GLY A 24 2.10 -2.39 6.20
CA GLY A 24 0.86 -2.80 6.83
C GLY A 24 0.90 -2.75 8.35
N ALA A 25 1.96 -3.33 8.95
CA ALA A 25 2.07 -3.30 10.40
C ALA A 25 2.23 -1.87 10.90
N GLY A 26 2.98 -1.04 10.19
CA GLY A 26 3.10 0.36 10.58
C GLY A 26 1.76 1.06 10.59
N ILE A 27 0.88 0.71 9.64
CA ILE A 27 -0.46 1.27 9.60
C ILE A 27 -1.31 0.72 10.73
N VAL A 28 -1.24 -0.59 10.98
CA VAL A 28 -1.97 -1.16 12.11
C VAL A 28 -1.61 -0.42 13.40
N ARG A 29 -0.31 -0.29 13.66
CA ARG A 29 0.12 0.37 14.90
C ARG A 29 -0.36 1.81 14.94
N ALA A 30 -0.30 2.51 13.80
CA ALA A 30 -0.74 3.91 13.77
C ALA A 30 -2.23 4.01 14.14
N PHE A 31 -3.07 3.14 13.59
CA PHE A 31 -4.50 3.23 13.89
C PHE A 31 -4.80 2.80 15.32
N VAL A 32 -4.15 1.73 15.81
CA VAL A 32 -4.32 1.32 17.20
C VAL A 32 -4.01 2.48 18.13
N ASN A 33 -2.89 3.16 17.90
CA ASN A 33 -2.51 4.29 18.75
C ASN A 33 -3.50 5.44 18.62
N SER A 34 -4.29 5.50 17.55
CA SER A 34 -5.32 6.52 17.41
C SER A 34 -6.64 6.10 18.04
N GLY A 35 -6.73 4.90 18.56
CA GLY A 35 -7.91 4.45 19.27
C GLY A 35 -8.83 3.53 18.50
N ALA A 36 -8.45 3.11 17.30
CA ALA A 36 -9.35 2.32 16.48
C ALA A 36 -9.36 0.86 16.90
N ARG A 37 -10.45 0.18 16.57
CA ARG A 37 -10.47 -1.27 16.51
C ARG A 37 -9.90 -1.69 15.15
N VAL A 38 -8.76 -2.41 15.15
CA VAL A 38 -8.07 -2.76 13.90
C VAL A 38 -8.18 -4.26 13.67
N VAL A 39 -8.74 -4.63 12.51
CA VAL A 39 -8.79 -6.02 12.07
C VAL A 39 -7.61 -6.23 11.13
N ILE A 40 -6.63 -7.02 11.56
CA ILE A 40 -5.49 -7.32 10.70
C ILE A 40 -5.88 -8.43 9.74
N CYS A 41 -5.88 -8.12 8.46
CA CYS A 41 -6.02 -9.13 7.43
C CYS A 41 -4.64 -9.47 6.87
N ASP A 42 -4.30 -10.75 6.89
CA ASP A 42 -3.04 -11.17 6.28
C ASP A 42 -3.15 -12.64 5.92
N LYS A 43 -2.44 -13.04 4.86
CA LYS A 43 -2.33 -14.46 4.52
C LYS A 43 -1.33 -15.20 5.38
N ASP A 44 -0.44 -14.48 6.07
CA ASP A 44 0.57 -15.10 6.92
C ASP A 44 0.15 -14.98 8.39
N GLU A 45 -0.03 -16.12 9.03
CA GLU A 45 -0.52 -16.14 10.41
C GLU A 45 0.51 -15.59 11.38
N SER A 46 1.79 -15.81 11.11
CA SER A 46 2.84 -15.53 12.09
C SER A 46 2.87 -14.06 12.49
N GLY A 47 3.00 -13.17 11.50
CA GLY A 47 3.08 -11.75 11.79
C GLY A 47 1.80 -11.21 12.40
N GLY A 48 0.65 -11.62 11.86
CA GLY A 48 -0.63 -11.13 12.37
C GLY A 48 -0.88 -11.57 13.80
N ARG A 49 -0.62 -12.85 14.11
CA ARG A 49 -0.82 -13.32 15.48
C ARG A 49 0.08 -12.58 16.45
N ALA A 50 1.32 -12.31 16.06
CA ALA A 50 2.22 -11.57 16.94
C ALA A 50 1.69 -10.17 17.18
N LEU A 51 1.21 -9.50 16.13
CA LEU A 51 0.62 -8.17 16.32
C LEU A 51 -0.67 -8.25 17.12
N GLU A 52 -1.50 -9.26 16.84
CA GLU A 52 -2.76 -9.42 17.58
C GLU A 52 -2.50 -9.57 19.07
N GLN A 53 -1.50 -10.39 19.44
CA GLN A 53 -1.22 -10.62 20.84
C GLN A 53 -0.59 -9.39 21.49
N GLU A 54 0.30 -8.69 20.77
CA GLU A 54 0.94 -7.51 21.34
C GLU A 54 -0.05 -6.37 21.51
N LEU A 55 -0.93 -6.14 20.53
CA LEU A 55 -1.77 -4.95 20.52
C LEU A 55 -3.21 -5.32 20.85
N PRO A 56 -3.71 -4.89 22.01
N PRO A 56 -3.80 -4.78 21.93
CA PRO A 56 -5.17 -4.91 22.25
CA PRO A 56 -5.16 -5.23 22.29
C PRO A 56 -5.79 -3.76 21.47
C PRO A 56 -6.22 -4.80 21.30
N GLY A 57 -6.83 -4.07 20.73
N GLY A 57 -6.09 -3.62 20.70
CA GLY A 57 -7.32 -3.22 19.68
CA GLY A 57 -7.08 -3.12 19.76
C GLY A 57 -7.05 -3.75 18.30
C GLY A 57 -7.06 -3.82 18.42
N ALA A 58 -6.03 -4.59 18.14
CA ALA A 58 -5.85 -5.33 16.90
C ALA A 58 -6.25 -6.77 17.11
N VAL A 59 -7.09 -7.29 16.22
CA VAL A 59 -7.34 -8.72 16.16
C VAL A 59 -6.91 -9.18 14.78
N PHE A 60 -6.59 -10.47 14.66
CA PHE A 60 -6.11 -11.04 13.43
C PHE A 60 -7.15 -11.99 12.85
N ILE A 61 -7.38 -11.88 11.54
CA ILE A 61 -8.29 -12.74 10.81
C ILE A 61 -7.51 -13.21 9.57
N LEU A 62 -7.19 -14.49 9.52
CA LEU A 62 -6.47 -15.03 8.37
C LEU A 62 -7.29 -14.87 7.10
N CYS A 63 -6.69 -14.29 6.07
CA CYS A 63 -7.45 -13.94 4.87
C CYS A 63 -6.48 -13.65 3.73
N ASP A 64 -6.61 -14.40 2.63
CA ASP A 64 -5.86 -14.15 1.40
C ASP A 64 -6.78 -13.33 0.48
N VAL A 65 -6.36 -12.10 0.18
CA VAL A 65 -7.28 -11.18 -0.50
C VAL A 65 -7.54 -11.57 -1.95
N THR A 66 -6.78 -12.52 -2.49
CA THR A 66 -7.07 -13.01 -3.84
C THR A 66 -8.15 -14.08 -3.87
N GLN A 67 -8.65 -14.50 -2.70
CA GLN A 67 -9.71 -15.50 -2.58
C GLN A 67 -10.99 -14.80 -2.21
N GLU A 68 -11.97 -14.79 -3.14
CA GLU A 68 -13.20 -14.06 -2.90
C GLU A 68 -13.87 -14.50 -1.60
N ASP A 69 -13.75 -15.77 -1.25
CA ASP A 69 -14.44 -16.25 -0.06
C ASP A 69 -13.74 -15.81 1.21
N ASP A 70 -12.41 -15.78 1.22
CA ASP A 70 -11.68 -15.24 2.37
C ASP A 70 -12.09 -13.80 2.65
N VAL A 71 -12.21 -12.99 1.60
CA VAL A 71 -12.58 -11.59 1.75
C VAL A 71 -14.01 -11.44 2.24
N LYS A 72 -14.93 -12.20 1.64
CA LYS A 72 -16.33 -12.17 2.08
C LYS A 72 -16.44 -12.57 3.55
N THR A 73 -15.64 -13.57 3.96
CA THR A 73 -15.64 -13.97 5.37
C THR A 73 -14.98 -12.90 6.24
N LEU A 74 -13.93 -12.24 5.72
CA LEU A 74 -13.31 -11.13 6.44
C LEU A 74 -14.34 -10.05 6.75
N VAL A 75 -15.08 -9.59 5.74
CA VAL A 75 -16.08 -8.54 5.95
C VAL A 75 -17.18 -9.02 6.87
N SER A 76 -17.71 -10.22 6.59
CA SER A 76 -18.78 -10.77 7.41
C SER A 76 -18.37 -10.87 8.88
N GLU A 77 -17.16 -11.37 9.15
CA GLU A 77 -16.72 -11.49 10.54
C GLU A 77 -16.48 -10.12 11.17
N THR A 78 -15.97 -9.16 10.39
CA THR A 78 -15.75 -7.82 10.92
C THR A 78 -17.05 -7.19 11.39
N ILE A 79 -18.12 -7.31 10.60
CA ILE A 79 -19.40 -6.74 10.98
C ILE A 79 -20.00 -7.52 12.14
N ARG A 80 -19.99 -8.86 12.06
CA ARG A 80 -20.59 -9.66 13.12
C ARG A 80 -19.91 -9.41 14.45
N ARG A 81 -18.58 -9.28 14.45
CA ARG A 81 -17.86 -9.15 15.72
C ARG A 81 -17.81 -7.71 16.21
N PHE A 82 -17.92 -6.72 15.33
CA PHE A 82 -17.75 -5.33 15.77
C PHE A 82 -18.84 -4.37 15.32
N GLY A 83 -19.82 -4.82 14.54
CA GLY A 83 -21.03 -4.05 14.30
C GLY A 83 -20.92 -2.90 13.32
N ARG A 84 -19.76 -2.64 12.74
CA ARG A 84 -19.59 -1.48 11.87
C ARG A 84 -18.27 -1.59 11.13
N LEU A 85 -18.09 -0.70 10.14
CA LEU A 85 -16.83 -0.62 9.42
C LEU A 85 -16.62 0.80 8.94
N ASP A 86 -15.52 1.42 9.39
CA ASP A 86 -15.26 2.83 9.16
C ASP A 86 -14.13 3.11 8.17
N CYS A 87 -13.19 2.17 8.01
CA CYS A 87 -12.01 2.46 7.20
C CYS A 87 -11.44 1.15 6.68
N VAL A 88 -11.14 1.11 5.38
CA VAL A 88 -10.48 -0.02 4.75
C VAL A 88 -9.15 0.49 4.20
N VAL A 89 -8.06 -0.11 4.65
CA VAL A 89 -6.73 0.18 4.13
C VAL A 89 -6.30 -1.03 3.31
N ASN A 90 -6.33 -0.88 1.99
CA ASN A 90 -5.87 -1.92 1.07
C ASN A 90 -4.38 -1.79 0.93
N ASN A 91 -3.64 -2.56 1.72
CA ASN A 91 -2.19 -2.52 1.74
C ASN A 91 -1.55 -3.78 1.19
N ALA A 92 -2.24 -4.92 1.24
CA ALA A 92 -1.68 -6.18 0.78
C ALA A 92 -1.22 -6.06 -0.67
N GLY A 93 0.03 -6.40 -0.92
CA GLY A 93 0.59 -6.28 -2.25
C GLY A 93 1.99 -6.84 -2.26
N HIS A 94 2.46 -7.11 -3.48
CA HIS A 94 3.75 -7.74 -3.71
C HIS A 94 4.48 -6.98 -4.82
N HIS A 95 5.81 -6.93 -4.70
CA HIS A 95 6.67 -6.44 -5.78
C HIS A 95 7.58 -7.61 -6.18
N PRO A 96 7.46 -8.13 -7.40
CA PRO A 96 8.33 -9.25 -7.84
C PRO A 96 9.77 -8.79 -7.92
N PRO A 97 10.72 -9.73 -8.02
CA PRO A 97 12.11 -9.36 -8.29
C PRO A 97 12.21 -8.61 -9.62
N PRO A 98 13.32 -7.95 -9.89
CA PRO A 98 13.48 -7.26 -11.18
C PRO A 98 13.31 -8.21 -12.35
N GLN A 99 12.44 -7.83 -13.28
CA GLN A 99 12.21 -8.63 -14.47
C GLN A 99 12.13 -7.71 -15.68
N ARG A 100 12.93 -8.01 -16.70
CA ARG A 100 12.79 -7.35 -17.99
C ARG A 100 11.45 -7.75 -18.61
N PRO A 101 10.96 -6.99 -19.60
CA PRO A 101 9.66 -7.36 -20.20
C PRO A 101 9.64 -8.77 -20.77
N GLU A 102 10.71 -9.20 -21.45
CA GLU A 102 10.74 -10.57 -21.97
C GLU A 102 10.86 -11.61 -20.87
N GLU A 103 11.15 -11.20 -19.64
CA GLU A 103 11.20 -12.10 -18.50
C GLU A 103 9.91 -12.10 -17.70
N THR A 104 8.84 -11.48 -18.22
CA THR A 104 7.53 -11.53 -17.60
C THR A 104 6.62 -12.43 -18.44
N SER A 105 5.60 -12.98 -17.80
CA SER A 105 4.60 -13.76 -18.50
C SER A 105 3.22 -13.19 -18.23
N ALA A 106 2.30 -13.43 -19.16
CA ALA A 106 0.93 -13.02 -18.93
C ALA A 106 0.37 -13.67 -17.68
N GLN A 107 0.80 -14.89 -17.38
CA GLN A 107 0.26 -15.59 -16.22
C GLN A 107 0.73 -14.94 -14.92
N GLY A 108 2.00 -14.51 -14.86
CA GLY A 108 2.47 -13.83 -13.67
C GLY A 108 1.83 -12.46 -13.50
N PHE A 109 1.64 -11.75 -14.62
CA PHE A 109 0.94 -10.47 -14.61
C PHE A 109 -0.46 -10.64 -14.01
N ARG A 110 -1.22 -11.63 -14.50
CA ARG A 110 -2.55 -11.91 -13.96
C ARG A 110 -2.48 -12.21 -12.46
N GLN A 111 -1.55 -13.07 -12.05
CA GLN A 111 -1.39 -13.35 -10.63
C GLN A 111 -1.13 -12.07 -9.84
N LEU A 112 -0.29 -11.20 -10.38
CA LEU A 112 0.01 -9.97 -9.67
C LEU A 112 -1.20 -9.03 -9.65
N LEU A 113 -1.98 -9.01 -10.73
CA LEU A 113 -3.21 -8.22 -10.74
C LEU A 113 -4.19 -8.72 -9.69
N GLU A 114 -4.29 -10.04 -9.52
CA GLU A 114 -5.20 -10.61 -8.53
C GLU A 114 -4.93 -10.03 -7.15
N LEU A 115 -3.66 -9.96 -6.78
CA LEU A 115 -3.26 -9.46 -5.47
C LEU A 115 -3.30 -7.94 -5.41
N ASN A 116 -2.52 -7.28 -6.25
CA ASN A 116 -2.31 -5.84 -6.09
C ASN A 116 -3.54 -5.03 -6.44
N LEU A 117 -4.36 -5.50 -7.39
CA LEU A 117 -5.52 -4.75 -7.88
C LEU A 117 -6.84 -5.40 -7.48
N LEU A 118 -7.07 -6.65 -7.88
CA LEU A 118 -8.39 -7.25 -7.68
C LEU A 118 -8.67 -7.57 -6.22
N GLY A 119 -7.66 -7.92 -5.43
CA GLY A 119 -7.88 -8.04 -3.99
C GLY A 119 -8.33 -6.73 -3.36
N THR A 120 -7.69 -5.62 -3.76
CA THR A 120 -8.11 -4.29 -3.31
C THR A 120 -9.52 -3.96 -3.79
N TYR A 121 -9.83 -4.31 -5.05
CA TYR A 121 -11.18 -4.08 -5.58
C TYR A 121 -12.24 -4.88 -4.83
N THR A 122 -11.97 -6.17 -4.60
CA THR A 122 -13.00 -7.05 -4.05
C THR A 122 -13.35 -6.65 -2.63
N LEU A 123 -12.35 -6.40 -1.79
CA LEU A 123 -12.62 -5.96 -0.42
C LEU A 123 -13.35 -4.61 -0.41
N THR A 124 -12.94 -3.69 -1.28
CA THR A 124 -13.58 -2.38 -1.33
C THR A 124 -15.07 -2.52 -1.65
N LYS A 125 -15.39 -3.29 -2.69
CA LYS A 125 -16.79 -3.49 -3.10
C LYS A 125 -17.61 -4.12 -1.98
N LEU A 126 -17.08 -5.17 -1.33
CA LEU A 126 -17.84 -5.78 -0.25
C LEU A 126 -17.96 -4.85 0.95
N ALA A 127 -16.98 -3.95 1.14
CA ALA A 127 -17.02 -3.08 2.31
C ALA A 127 -17.93 -1.88 2.12
N LEU A 128 -18.13 -1.44 0.86
CA LEU A 128 -18.86 -0.20 0.60
C LEU A 128 -20.26 -0.14 1.22
N PRO A 129 -21.07 -1.21 1.24
CA PRO A 129 -22.38 -1.06 1.91
C PRO A 129 -22.23 -0.58 3.34
N TYR A 130 -21.22 -1.09 4.06
CA TYR A 130 -21.04 -0.69 5.45
C TYR A 130 -20.33 0.65 5.56
N LEU A 131 -19.39 0.93 4.66
CA LEU A 131 -18.73 2.24 4.71
C LEU A 131 -19.74 3.35 4.43
N ARG A 132 -20.70 3.09 3.55
CA ARG A 132 -21.72 4.10 3.28
C ARG A 132 -22.54 4.40 4.52
N LYS A 133 -22.88 3.38 5.33
CA LYS A 133 -23.65 3.62 6.55
C LYS A 133 -22.86 4.42 7.57
N SER A 134 -21.55 4.23 7.63
CA SER A 134 -20.69 4.90 8.59
C SER A 134 -20.11 6.19 8.07
N GLN A 135 -20.31 6.50 6.78
CA GLN A 135 -19.63 7.61 6.15
C GLN A 135 -18.11 7.46 6.33
N GLY A 136 -17.64 6.23 6.20
CA GLY A 136 -16.23 5.93 6.31
C GLY A 136 -15.46 6.25 5.04
N ASN A 137 -14.30 5.60 4.91
CA ASN A 137 -13.37 5.98 3.85
C ASN A 137 -12.47 4.80 3.52
N VAL A 138 -11.92 4.83 2.30
CA VAL A 138 -11.01 3.81 1.80
C VAL A 138 -9.65 4.46 1.58
N ILE A 139 -8.59 3.76 1.96
CA ILE A 139 -7.22 4.19 1.72
C ILE A 139 -6.48 3.07 0.99
N ASN A 140 -6.06 3.34 -0.23
CA ASN A 140 -5.29 2.37 -1.00
C ASN A 140 -3.81 2.69 -0.92
N ILE A 141 -2.98 1.67 -0.71
CA ILE A 141 -1.53 1.83 -0.76
C ILE A 141 -1.07 1.51 -2.18
N SER A 142 -0.80 2.56 -2.95
CA SER A 142 -0.29 2.41 -4.30
C SER A 142 1.22 2.45 -4.27
N SER A 143 1.83 3.26 -5.15
CA SER A 143 3.27 3.45 -5.17
C SER A 143 3.61 4.62 -6.09
N LEU A 144 4.72 5.28 -5.76
CA LEU A 144 5.23 6.37 -6.59
C LEU A 144 5.48 5.91 -8.03
N VAL A 145 5.92 4.66 -8.22
CA VAL A 145 6.26 4.20 -9.57
C VAL A 145 5.02 4.05 -10.44
N GLY A 146 3.84 3.96 -9.84
CA GLY A 146 2.62 4.07 -10.62
C GLY A 146 2.53 5.40 -11.34
N ALA A 147 3.08 6.45 -10.74
CA ALA A 147 3.04 7.78 -11.35
C ALA A 147 4.22 8.05 -12.27
N ILE A 148 5.41 7.52 -11.97
CA ILE A 148 6.61 7.90 -12.71
C ILE A 148 7.29 6.72 -13.38
N GLY A 149 6.74 5.52 -13.25
CA GLY A 149 7.37 4.34 -13.81
C GLY A 149 8.54 3.86 -12.99
N GLN A 150 8.97 2.64 -13.30
CA GLN A 150 10.13 2.00 -12.69
C GLN A 150 10.71 1.00 -13.68
N ALA A 151 12.04 0.89 -13.72
CA ALA A 151 12.68 -0.11 -14.58
C ALA A 151 12.44 -1.51 -14.06
N GLN A 152 12.33 -2.46 -15.01
CA GLN A 152 12.31 -3.90 -14.73
C GLN A 152 11.16 -4.27 -13.78
N ALA A 153 9.99 -3.68 -14.05
CA ALA A 153 8.85 -3.87 -13.17
C ALA A 153 7.53 -3.58 -13.88
N VAL A 154 7.45 -3.93 -15.16
CA VAL A 154 6.26 -3.67 -15.98
C VAL A 154 4.99 -4.18 -15.29
N PRO A 155 4.88 -5.46 -14.91
CA PRO A 155 3.63 -5.88 -14.23
C PRO A 155 3.35 -5.11 -12.95
N TYR A 156 4.37 -4.89 -12.12
CA TYR A 156 4.13 -4.20 -10.85
C TYR A 156 3.67 -2.77 -11.10
N VAL A 157 4.39 -2.04 -11.95
CA VAL A 157 4.02 -0.65 -12.24
C VAL A 157 2.58 -0.59 -12.73
N ALA A 158 2.21 -1.51 -13.63
CA ALA A 158 0.83 -1.52 -14.14
C ALA A 158 -0.18 -1.68 -13.03
N THR A 159 0.06 -2.61 -12.08
CA THR A 159 -0.95 -2.82 -11.04
C THR A 159 -1.13 -1.56 -10.19
N LYS A 160 -0.04 -0.83 -9.95
CA LYS A 160 -0.10 0.36 -9.09
C LYS A 160 -0.69 1.57 -9.85
N GLY A 161 -0.40 1.69 -11.15
CA GLY A 161 -1.13 2.65 -11.96
C GLY A 161 -2.64 2.40 -11.91
N ALA A 162 -3.05 1.14 -11.95
CA ALA A 162 -4.47 0.84 -11.84
C ALA A 162 -5.02 1.24 -10.47
N VAL A 163 -4.28 0.92 -9.39
CA VAL A 163 -4.79 1.23 -8.04
C VAL A 163 -5.00 2.74 -7.89
N THR A 164 -4.01 3.54 -8.30
CA THR A 164 -4.13 4.99 -8.20
C THR A 164 -5.33 5.49 -8.98
N ALA A 165 -5.49 5.02 -10.22
CA ALA A 165 -6.63 5.45 -11.03
C ALA A 165 -7.94 5.00 -10.43
N MET A 166 -8.00 3.71 -10.03
CA MET A 166 -9.21 3.18 -9.44
C MET A 166 -9.61 3.96 -8.19
N THR A 167 -8.61 4.40 -7.41
CA THR A 167 -8.88 5.28 -6.26
C THR A 167 -9.71 6.49 -6.67
N LYS A 168 -9.35 7.12 -7.78
CA LYS A 168 -10.08 8.31 -8.20
C LYS A 168 -11.47 7.97 -8.72
N ALA A 169 -11.62 6.83 -9.40
CA ALA A 169 -12.94 6.43 -9.87
C ALA A 169 -13.86 6.16 -8.69
N LEU A 170 -13.35 5.44 -7.70
CA LEU A 170 -14.11 5.16 -6.49
C LEU A 170 -14.49 6.44 -5.77
N ALA A 171 -13.58 7.42 -5.73
CA ALA A 171 -13.87 8.68 -5.05
C ALA A 171 -15.05 9.38 -5.71
N LEU A 172 -15.15 9.29 -7.02
CA LEU A 172 -16.29 9.91 -7.71
C LEU A 172 -17.57 9.12 -7.42
N ASP A 173 -17.53 7.79 -7.54
CA ASP A 173 -18.72 6.97 -7.30
C ASP A 173 -19.22 7.09 -5.87
N GLU A 174 -18.33 7.28 -4.91
CA GLU A 174 -18.74 7.21 -3.51
C GLU A 174 -18.89 8.57 -2.87
N SER A 175 -18.53 9.65 -3.56
CA SER A 175 -18.76 10.98 -3.02
C SER A 175 -20.22 11.31 -2.70
N PRO A 176 -21.26 10.77 -3.36
CA PRO A 176 -22.63 11.11 -2.93
C PRO A 176 -22.98 10.54 -1.56
N TYR A 177 -22.30 9.50 -1.10
CA TYR A 177 -22.47 9.01 0.26
C TYR A 177 -21.54 9.72 1.25
N GLY A 178 -20.77 10.71 0.81
CA GLY A 178 -19.73 11.26 1.66
C GLY A 178 -18.64 10.27 2.04
N VAL A 179 -18.49 9.18 1.30
CA VAL A 179 -17.41 8.24 1.53
C VAL A 179 -16.21 8.70 0.69
N ARG A 180 -15.11 9.04 1.36
CA ARG A 180 -13.87 9.46 0.73
C ARG A 180 -13.05 8.23 0.36
N VAL A 181 -12.31 8.34 -0.75
CA VAL A 181 -11.45 7.28 -1.25
C VAL A 181 -10.15 7.92 -1.67
N ASN A 182 -9.05 7.62 -0.97
CA ASN A 182 -7.76 8.24 -1.18
C ASN A 182 -6.68 7.16 -1.29
N CYS A 183 -5.51 7.56 -1.78
CA CYS A 183 -4.42 6.62 -1.85
C CYS A 183 -3.14 7.28 -1.36
N ILE A 184 -2.24 6.46 -0.84
CA ILE A 184 -0.89 6.87 -0.48
C ILE A 184 0.06 6.23 -1.48
N SER A 185 0.96 7.03 -2.05
CA SER A 185 1.96 6.49 -2.95
C SER A 185 3.30 6.56 -2.25
N PRO A 186 3.74 5.50 -1.57
CA PRO A 186 5.07 5.50 -0.98
C PRO A 186 6.12 5.38 -2.07
N GLY A 187 7.27 6.00 -1.84
CA GLY A 187 8.44 5.74 -2.66
C GLY A 187 9.20 4.56 -2.10
N ASN A 188 10.43 4.76 -1.66
CA ASN A 188 11.25 3.70 -1.07
C ASN A 188 11.02 3.68 0.44
N ILE A 189 10.38 2.63 0.93
CA ILE A 189 10.13 2.46 2.37
C ILE A 189 10.93 1.25 2.81
N TRP A 190 11.73 1.40 3.87
CA TRP A 190 12.51 0.27 4.36
C TRP A 190 11.58 -0.74 5.04
N THR A 191 11.38 -1.89 4.39
CA THR A 191 10.47 -2.93 4.86
C THR A 191 11.10 -4.30 4.65
N PRO A 192 10.50 -5.37 5.20
CA PRO A 192 11.02 -6.72 4.87
C PRO A 192 10.98 -7.03 3.38
N LEU A 193 9.94 -6.55 2.69
CA LEU A 193 9.92 -6.70 1.24
C LEU A 193 11.15 -6.05 0.60
N TRP A 194 11.45 -4.80 0.98
CA TRP A 194 12.62 -4.14 0.40
C TRP A 194 13.89 -4.94 0.69
N GLU A 195 14.02 -5.42 1.93
CA GLU A 195 15.20 -6.19 2.32
C GLU A 195 15.29 -7.49 1.55
N GLU A 196 14.15 -8.18 1.35
CA GLU A 196 14.17 -9.44 0.61
C GLU A 196 14.56 -9.23 -0.86
N LEU A 197 14.09 -8.14 -1.48
CA LEU A 197 14.45 -7.88 -2.87
C LEU A 197 15.92 -7.52 -3.00
N ALA A 198 16.43 -6.70 -2.08
CA ALA A 198 17.85 -6.37 -2.08
C ALA A 198 18.69 -7.63 -1.95
N ALA A 199 18.28 -8.55 -1.06
CA ALA A 199 19.04 -9.77 -0.82
C ALA A 199 19.12 -10.67 -2.04
N LEU A 200 18.31 -10.43 -3.08
CA LEU A 200 18.45 -11.18 -4.33
C LEU A 200 19.48 -10.56 -5.25
N MET A 201 19.98 -9.38 -4.94
CA MET A 201 20.88 -8.70 -5.85
C MET A 201 22.32 -9.14 -5.61
N PRO A 202 23.20 -8.96 -6.59
CA PRO A 202 24.61 -9.34 -6.38
C PRO A 202 25.26 -8.57 -5.24
N ASP A 203 24.86 -7.31 -5.03
CA ASP A 203 25.41 -6.50 -3.94
C ASP A 203 24.24 -5.88 -3.18
N PRO A 204 23.67 -6.63 -2.23
CA PRO A 204 22.49 -6.12 -1.49
C PRO A 204 22.65 -4.72 -0.92
N ARG A 205 23.76 -4.47 -0.23
CA ARG A 205 23.90 -3.18 0.44
C ARG A 205 24.16 -2.06 -0.55
N ALA A 206 24.82 -2.34 -1.68
CA ALA A 206 24.91 -1.32 -2.73
C ALA A 206 23.53 -0.98 -3.23
N THR A 207 22.67 -1.99 -3.38
CA THR A 207 21.31 -1.75 -3.82
C THR A 207 20.55 -0.89 -2.82
N ILE A 208 20.62 -1.26 -1.54
CA ILE A 208 19.96 -0.48 -0.48
C ILE A 208 20.45 0.95 -0.52
N ARG A 209 21.77 1.13 -0.67
CA ARG A 209 22.33 2.46 -0.71
C ARG A 209 21.79 3.27 -1.90
N GLU A 210 21.68 2.64 -3.07
CA GLU A 210 21.08 3.32 -4.22
C GLU A 210 19.63 3.70 -3.94
N GLY A 211 18.89 2.82 -3.26
CA GLY A 211 17.55 3.17 -2.85
C GLY A 211 17.53 4.36 -1.91
N MET A 212 18.55 4.50 -1.05
CA MET A 212 18.58 5.64 -0.14
C MET A 212 18.90 6.91 -0.90
N LEU A 213 19.82 6.83 -1.87
CA LEU A 213 20.23 7.97 -2.66
C LEU A 213 19.17 8.41 -3.66
N ALA A 214 18.11 7.61 -3.86
CA ALA A 214 17.04 8.03 -4.76
C ALA A 214 16.21 9.18 -4.17
N GLN A 215 16.38 9.49 -2.88
CA GLN A 215 15.60 10.55 -2.23
C GLN A 215 16.48 11.74 -1.94
N PRO A 216 16.04 12.96 -2.28
CA PRO A 216 16.72 14.16 -1.78
C PRO A 216 16.91 14.15 -0.26
N LEU A 217 15.98 13.57 0.49
CA LEU A 217 16.15 13.51 1.94
C LEU A 217 17.27 12.56 2.37
N GLY A 218 17.75 11.71 1.48
CA GLY A 218 18.91 10.88 1.74
C GLY A 218 18.65 9.59 2.46
N ARG A 219 17.39 9.17 2.60
CA ARG A 219 17.07 7.95 3.31
C ARG A 219 15.81 7.39 2.70
N MET A 220 15.48 6.15 3.06
CA MET A 220 14.15 5.59 2.81
C MET A 220 13.21 5.99 3.93
N GLY A 221 11.92 5.88 3.65
CA GLY A 221 10.91 6.11 4.66
C GLY A 221 10.74 4.91 5.58
N GLN A 222 9.93 5.10 6.59
CA GLN A 222 9.61 4.10 7.58
C GLN A 222 8.15 3.73 7.49
N PRO A 223 7.79 2.47 7.77
CA PRO A 223 6.37 2.12 7.87
C PRO A 223 5.58 3.07 8.76
N ALA A 224 6.19 3.57 9.83
CA ALA A 224 5.47 4.46 10.74
C ALA A 224 5.09 5.75 10.05
N GLU A 225 5.88 6.19 9.07
CA GLU A 225 5.57 7.46 8.41
C GLU A 225 4.41 7.29 7.44
N VAL A 226 4.35 6.14 6.75
CA VAL A 226 3.15 5.82 5.99
C VAL A 226 1.95 5.69 6.92
N GLY A 227 2.16 5.08 8.09
CA GLY A 227 1.06 4.90 9.02
C GLY A 227 0.48 6.22 9.48
N ALA A 228 1.34 7.21 9.75
CA ALA A 228 0.85 8.53 10.12
C ALA A 228 0.11 9.17 8.95
N ALA A 229 0.58 8.96 7.72
CA ALA A 229 -0.15 9.50 6.57
C ALA A 229 -1.53 8.90 6.47
N ALA A 230 -1.65 7.59 6.74
CA ALA A 230 -2.95 6.91 6.66
C ALA A 230 -3.91 7.42 7.72
N VAL A 231 -3.44 7.58 8.97
CA VAL A 231 -4.32 8.07 10.02
C VAL A 231 -4.77 9.49 9.70
N PHE A 232 -3.88 10.31 9.13
CA PHE A 232 -4.29 11.65 8.72
C PHE A 232 -5.38 11.59 7.66
N LEU A 233 -5.24 10.71 6.67
CA LEU A 233 -6.28 10.62 5.64
C LEU A 233 -7.60 10.18 6.24
N ALA A 234 -7.56 9.21 7.16
CA ALA A 234 -8.81 8.67 7.67
C ALA A 234 -9.48 9.66 8.62
N SER A 235 -8.71 10.35 9.45
CA SER A 235 -9.24 11.04 10.62
C SER A 235 -9.27 12.56 10.50
N GLU A 236 -8.43 13.17 9.68
CA GLU A 236 -8.37 14.62 9.65
C GLU A 236 -8.42 15.21 8.25
N ALA A 237 -8.63 14.41 7.22
CA ALA A 237 -8.65 14.91 5.85
C ALA A 237 -10.06 14.84 5.27
N ASN A 238 -11.01 15.51 5.92
CA ASN A 238 -12.41 15.36 5.55
C ASN A 238 -12.77 16.06 4.24
N PHE A 239 -11.94 16.97 3.75
CA PHE A 239 -12.17 17.58 2.45
C PHE A 239 -11.25 17.00 1.36
N CYS A 240 -10.56 15.89 1.63
CA CYS A 240 -9.74 15.21 0.64
C CYS A 240 -10.43 13.95 0.16
N THR A 241 -10.61 13.83 -1.15
CA THR A 241 -11.05 12.59 -1.75
C THR A 241 -10.36 12.47 -3.11
N GLY A 242 -9.96 11.24 -3.44
CA GLY A 242 -9.31 10.98 -4.70
C GLY A 242 -7.92 11.54 -4.84
N ILE A 243 -7.23 11.82 -3.72
CA ILE A 243 -5.90 12.39 -3.80
C ILE A 243 -4.87 11.27 -3.77
N GLU A 244 -3.68 11.59 -4.21
CA GLU A 244 -2.53 10.69 -4.20
C GLU A 244 -1.52 11.34 -3.26
N LEU A 245 -1.42 10.81 -2.05
CA LEU A 245 -0.54 11.39 -1.04
C LEU A 245 0.84 10.76 -1.21
N LEU A 246 1.80 11.55 -1.65
CA LEU A 246 3.13 11.04 -1.92
C LEU A 246 3.92 10.97 -0.62
N VAL A 247 4.40 9.78 -0.29
CA VAL A 247 5.30 9.60 0.84
C VAL A 247 6.61 9.06 0.30
N THR A 248 7.45 9.95 -0.22
CA THR A 248 8.54 9.54 -1.11
C THR A 248 9.88 10.21 -0.82
N GLY A 249 9.97 11.11 0.15
CA GLY A 249 11.25 11.75 0.38
C GLY A 249 11.68 12.66 -0.75
N GLY A 250 10.76 13.05 -1.63
CA GLY A 250 11.11 13.87 -2.76
C GLY A 250 11.73 13.14 -3.92
N ALA A 251 11.62 11.82 -3.97
CA ALA A 251 12.28 11.06 -5.04
C ALA A 251 11.85 11.53 -6.44
N GLU A 252 10.64 12.08 -6.57
CA GLU A 252 10.16 12.51 -7.89
C GLU A 252 10.72 13.87 -8.30
N LEU A 253 11.46 14.55 -7.44
CA LEU A 253 11.87 15.93 -7.70
C LEU A 253 13.24 16.01 -8.36
N GLY A 254 13.40 17.03 -9.20
CA GLY A 254 14.72 17.36 -9.70
C GLY A 254 15.31 16.35 -10.68
N TYR A 255 16.44 16.70 -11.28
CA TYR A 255 17.14 15.81 -12.21
C TYR A 255 17.98 14.81 -11.45
N GLY A 256 18.11 13.61 -12.01
CA GLY A 256 18.87 12.57 -11.36
C GLY A 256 19.71 11.84 -12.36
N CYS A 257 19.96 10.57 -12.13
CA CYS A 257 20.74 9.74 -13.07
C CYS A 257 19.83 8.63 -13.59
N LYS A 258 19.36 8.78 -14.83
CA LYS A 258 18.34 7.87 -15.34
C LYS A 258 18.82 6.97 -16.47
N ALA A 259 20.00 7.21 -17.03
CA ALA A 259 20.53 6.39 -18.12
C ALA A 259 21.20 5.15 -17.53
N SER A 260 20.69 3.96 -17.88
CA SER A 260 21.04 2.75 -17.16
C SER A 260 22.40 2.20 -17.58
N ARG A 261 22.94 1.30 -16.75
CA ARG A 261 24.27 0.74 -16.98
C ARG A 261 24.37 -0.02 -18.30
N SER A 262 23.24 -0.50 -18.84
CA SER A 262 23.22 -1.10 -20.16
C SER A 262 22.79 -0.11 -21.25
N THR A 263 22.66 1.17 -20.93
CA THR A 263 22.15 2.16 -21.87
C THR A 263 23.32 2.83 -22.58
N PRO A 264 23.47 2.65 -23.89
CA PRO A 264 24.50 3.39 -24.64
C PRO A 264 24.40 4.91 -24.46
N VAL A 265 25.41 5.50 -23.82
CA VAL A 265 25.50 6.94 -23.63
C VAL A 265 26.78 7.44 -24.27
N ASP A 266 26.69 8.48 -25.07
CA ASP A 266 27.84 9.02 -25.78
C ASP A 266 28.69 9.86 -24.82
N ALA A 267 29.94 10.10 -25.23
CA ALA A 267 30.82 11.03 -24.53
C ALA A 267 30.25 12.45 -24.61
N PRO A 268 30.65 13.33 -23.67
CA PRO A 268 30.00 14.66 -23.61
C PRO A 268 30.39 15.62 -24.72
N ASP A 269 31.11 15.16 -25.75
CA ASP A 269 31.38 16.00 -26.89
C ASP A 269 30.29 15.91 -27.97
N ILE A 270 29.32 15.01 -27.81
CA ILE A 270 28.14 14.95 -28.66
C ILE A 270 26.93 14.90 -27.71
N PRO A 271 26.48 16.03 -27.17
CA PRO A 271 25.57 15.95 -26.01
C PRO A 271 24.14 15.59 -26.42
N SER A 272 23.76 15.90 -27.66
CA SER A 272 22.38 15.73 -28.12
C SER A 272 22.30 14.77 -29.32
N GLY A 273 23.26 13.87 -29.45
CA GLY A 273 23.21 12.83 -30.48
C GLY A 273 23.59 13.32 -31.87
#